data_5Y7T
#
_entry.id   5Y7T
#
_cell.length_a   73.471
_cell.length_b   118.619
_cell.length_c   66.427
_cell.angle_alpha   90.00
_cell.angle_beta   90.00
_cell.angle_gamma   90.00
#
_symmetry.space_group_name_H-M   'C 2 2 21'
#
loop_
_entity.id
_entity.type
_entity.pdbx_description
1 polymer 'Iron/alpha-ketoglutarate-dependent dioxygenase asqJ'
2 non-polymer 'FE (III) ION'
3 non-polymer (3R)-4-methyl-3-(phenylmethyl)-1,3-dihydro-1,4-benzodiazepine-2,5-dione
4 non-polymer '2-OXOGLUTARIC ACID'
5 water water
#
_entity_poly.entity_id   1
_entity_poly.type   'polypeptide(L)'
_entity_poly.pdbx_seq_one_letter_code
;HHHHHHMMTSKDHVKSQIPRLSAINDLHKIWPTVEEHGAAIIESFLSLDIVRRLNEEVDPFVKIEPIPAAKTKDHPNHVL
STTTRLVNVLAPISKAYREDVLNSKVLHRICSDAFHVYGDYWVLMGAVMELAPSNPAQPLHRDMRFSHPIVEYLKPDAPA
TSINFLVALSPFTAENGATHVILGSHKWQNLSNVSMDATVRALMNPGDALLITDSTIHCGGAETTGTETRRLLTITMGIS
QLTPLESNLAVPRPVIESLTPLAQRLLGWASQRSAAPRDIGLLTIRGNSIEKTMNLKAEQPLHDDEAEPLCRETI
;
_entity_poly.pdbx_strand_id   B
#
loop_
_chem_comp.id
_chem_comp.type
_chem_comp.name
_chem_comp.formula
8R0 non-polymer (3R)-4-methyl-3-(phenylmethyl)-1,3-dihydro-1,4-benzodiazepine-2,5-dione 'C17 H16 N2 O2'
AKG non-polymer '2-OXOGLUTARIC ACID' 'C5 H6 O5'
FE non-polymer 'FE (III) ION' 'Fe 3'
#
# COMPACT_ATOMS: atom_id res chain seq x y z
N SER A 16 -6.01 23.41 -8.23
CA SER A 16 -6.59 22.18 -8.81
C SER A 16 -6.37 20.94 -7.92
N GLN A 17 -7.46 20.43 -7.33
CA GLN A 17 -7.40 19.53 -6.19
C GLN A 17 -7.51 18.06 -6.60
N ILE A 18 -7.31 17.19 -5.61
CA ILE A 18 -7.34 15.76 -5.85
C ILE A 18 -8.79 15.31 -6.00
N PRO A 19 -9.11 14.54 -7.02
CA PRO A 19 -10.50 14.11 -7.20
C PRO A 19 -10.89 13.13 -6.10
N ARG A 20 -12.07 13.35 -5.56
CA ARG A 20 -12.62 12.55 -4.47
C ARG A 20 -13.71 11.67 -5.06
N LEU A 21 -13.63 10.36 -4.81
CA LEU A 21 -14.59 9.41 -5.36
C LEU A 21 -15.19 8.56 -4.24
N SER A 22 -16.42 8.09 -4.46
CA SER A 22 -17.07 7.16 -3.56
C SER A 22 -16.55 5.75 -3.80
N ALA A 23 -16.39 4.99 -2.71
CA ALA A 23 -15.89 3.64 -2.88
C ALA A 23 -16.92 2.72 -3.53
N ILE A 24 -18.21 2.96 -3.31
CA ILE A 24 -19.26 2.09 -3.85
C ILE A 24 -19.88 2.71 -5.09
N ASN A 25 -20.47 3.88 -4.95
CA ASN A 25 -21.10 4.57 -6.08
C ASN A 25 -20.14 4.69 -7.27
N ASP A 26 -18.92 5.15 -7.01
CA ASP A 26 -17.94 5.55 -8.03
C ASP A 26 -16.92 4.47 -8.38
N LEU A 27 -17.17 3.22 -7.96
CA LEU A 27 -16.13 2.20 -8.02
C LEU A 27 -15.44 2.16 -9.40
N HIS A 28 -16.20 2.00 -10.46
CA HIS A 28 -15.58 1.91 -11.79
C HIS A 28 -14.75 3.12 -12.15
N LYS A 29 -14.89 4.23 -11.44
CA LYS A 29 -14.22 5.44 -11.87
C LYS A 29 -12.86 5.62 -11.22
N ILE A 30 -12.55 4.80 -10.22
CA ILE A 30 -11.40 5.09 -9.35
C ILE A 30 -10.10 4.91 -10.11
N TRP A 31 -9.88 3.75 -10.69
CA TRP A 31 -8.61 3.53 -11.39
C TRP A 31 -8.47 4.46 -12.60
N PRO A 32 -9.46 4.56 -13.49
CA PRO A 32 -9.33 5.55 -14.57
C PRO A 32 -8.95 6.92 -14.05
N THR A 33 -9.52 7.36 -12.93
CA THR A 33 -9.14 8.65 -12.37
C THR A 33 -7.66 8.66 -12.00
N VAL A 34 -7.19 7.65 -11.27
CA VAL A 34 -5.78 7.62 -10.91
C VAL A 34 -4.92 7.52 -12.17
N GLU A 35 -5.28 6.63 -13.09
CA GLU A 35 -4.45 6.49 -14.29
C GLU A 35 -4.32 7.83 -15.02
N GLU A 36 -5.35 8.68 -14.93
CA GLU A 36 -5.30 10.00 -15.55
C GLU A 36 -4.55 11.02 -14.68
N HIS A 37 -5.04 11.27 -13.47
CA HIS A 37 -4.49 12.37 -12.69
C HIS A 37 -3.36 11.96 -11.75
N GLY A 38 -3.11 10.66 -11.58
CA GLY A 38 -2.03 10.23 -10.74
C GLY A 38 -2.37 10.11 -9.26
N ALA A 39 -3.54 10.57 -8.85
CA ALA A 39 -4.02 10.35 -7.50
C ALA A 39 -5.54 10.48 -7.46
N ALA A 40 -6.14 9.83 -6.46
CA ALA A 40 -7.56 10.02 -6.17
C ALA A 40 -7.79 9.70 -4.70
N ILE A 41 -8.82 10.32 -4.13
CA ILE A 41 -9.26 10.03 -2.76
C ILE A 41 -10.48 9.12 -2.84
N ILE A 42 -10.38 7.94 -2.25
CA ILE A 42 -11.52 7.03 -2.12
C ILE A 42 -12.15 7.25 -0.75
N GLU A 43 -13.33 7.86 -0.72
CA GLU A 43 -13.99 8.12 0.55
C GLU A 43 -14.57 6.83 1.13
N SER A 44 -14.39 6.65 2.44
CA SER A 44 -14.87 5.45 3.15
C SER A 44 -14.35 4.18 2.49
N PHE A 45 -13.06 4.19 2.14
CA PHE A 45 -12.44 2.98 1.61
C PHE A 45 -12.58 1.82 2.58
N LEU A 46 -12.34 2.06 3.86
CA LEU A 46 -12.58 1.09 4.92
C LEU A 46 -13.58 1.71 5.88
N SER A 47 -14.53 0.91 6.37
CA SER A 47 -15.50 1.39 7.32
C SER A 47 -14.82 1.75 8.63
N LEU A 48 -15.48 2.62 9.39
CA LEU A 48 -14.93 3.06 10.67
C LEU A 48 -14.72 1.90 11.63
N ASP A 49 -15.56 0.87 11.55
CA ASP A 49 -15.34 -0.30 12.40
C ASP A 49 -14.02 -0.98 12.08
N ILE A 50 -13.70 -1.14 10.79
CA ILE A 50 -12.45 -1.80 10.44
C ILE A 50 -11.25 -0.93 10.83
N VAL A 51 -11.40 0.39 10.70
CA VAL A 51 -10.37 1.31 11.16
C VAL A 51 -10.14 1.13 12.65
N ARG A 52 -11.22 1.06 13.43
CA ARG A 52 -11.09 0.90 14.88
C ARG A 52 -10.32 -0.38 15.22
N ARG A 53 -10.69 -1.50 14.58
CA ARG A 53 -10.09 -2.77 14.92
C ARG A 53 -8.63 -2.83 14.48
N LEU A 54 -8.34 -2.33 13.28
CA LEU A 54 -6.95 -2.19 12.85
C LEU A 54 -6.15 -1.42 13.91
N ASN A 55 -6.62 -0.23 14.28
CA ASN A 55 -5.91 0.58 15.26
C ASN A 55 -5.67 -0.22 16.53
N GLU A 56 -6.74 -0.74 17.15
CA GLU A 56 -6.59 -1.55 18.35
C GLU A 56 -5.57 -2.67 18.16
N GLU A 57 -5.61 -3.34 17.01
CA GLU A 57 -4.81 -4.55 16.86
C GLU A 57 -3.33 -4.23 16.61
N VAL A 58 -3.02 -3.15 15.88
CA VAL A 58 -1.61 -2.77 15.70
C VAL A 58 -1.02 -1.93 16.83
N ASP A 59 -1.85 -1.23 17.65
CA ASP A 59 -1.37 -0.22 18.62
C ASP A 59 -0.09 -0.62 19.33
N PRO A 60 -0.07 -1.76 20.00
CA PRO A 60 1.12 -2.07 20.81
C PRO A 60 2.36 -2.27 19.96
N PHE A 61 2.23 -2.86 18.76
CA PHE A 61 3.37 -3.08 17.87
C PHE A 61 3.91 -1.77 17.35
N VAL A 62 3.04 -0.78 17.17
CA VAL A 62 3.51 0.57 16.88
C VAL A 62 4.28 1.13 18.07
N LYS A 63 3.75 0.94 19.28
CA LYS A 63 4.39 1.52 20.44
C LYS A 63 5.78 0.95 20.66
N ILE A 64 6.00 -0.33 20.33
CA ILE A 64 7.30 -0.98 20.56
C ILE A 64 8.18 -1.00 19.32
N GLU A 65 7.73 -0.46 18.20
CA GLU A 65 8.60 -0.31 17.03
C GLU A 65 9.66 0.75 17.30
N PRO A 66 10.93 0.48 16.99
CA PRO A 66 11.97 1.52 17.14
C PRO A 66 12.14 2.37 15.91
N ILE A 67 13.15 3.24 15.93
CA ILE A 67 13.39 4.15 14.82
C ILE A 67 13.68 3.33 13.56
N PRO A 68 13.32 3.83 12.38
CA PRO A 68 13.49 3.04 11.15
C PRO A 68 14.88 2.44 10.96
N ALA A 69 15.94 3.19 11.27
CA ALA A 69 17.34 2.81 11.10
C ALA A 69 17.94 2.19 12.35
N ALA A 70 17.09 1.74 13.28
CA ALA A 70 17.56 1.21 14.55
C ALA A 70 18.71 0.23 14.35
N LYS A 71 19.69 0.33 15.25
CA LYS A 71 20.92 -0.45 15.15
C LYS A 71 20.69 -1.95 15.31
N THR A 72 19.54 -2.36 15.82
CA THR A 72 19.24 -3.77 16.02
C THR A 72 18.63 -4.44 14.80
N LYS A 73 18.29 -3.68 13.76
CA LYS A 73 17.72 -4.24 12.54
C LYS A 73 18.85 -4.61 11.58
N ASP A 74 18.69 -5.73 10.87
CA ASP A 74 19.68 -6.02 9.85
C ASP A 74 19.29 -5.53 8.47
N HIS A 75 18.07 -5.01 8.30
CA HIS A 75 17.69 -4.21 7.13
C HIS A 75 17.15 -2.88 7.63
N PRO A 76 18.00 -2.04 8.23
CA PRO A 76 17.54 -0.71 8.65
C PRO A 76 17.01 0.09 7.47
N ASN A 77 15.98 0.88 7.74
CA ASN A 77 15.46 1.85 6.79
C ASN A 77 16.07 3.20 7.16
N HIS A 78 17.00 3.69 6.33
CA HIS A 78 17.66 4.96 6.54
C HIS A 78 16.91 6.14 5.95
N VAL A 79 15.88 5.88 5.14
CA VAL A 79 15.22 6.96 4.42
C VAL A 79 14.17 7.66 5.29
N LEU A 80 13.36 6.88 6.01
CA LEU A 80 12.31 7.46 6.85
C LEU A 80 12.91 8.19 8.04
N SER A 81 12.16 9.16 8.56
CA SER A 81 12.62 9.98 9.67
C SER A 81 12.55 9.23 10.99
N THR A 82 13.45 9.60 11.92
CA THR A 82 13.48 8.94 13.23
C THR A 82 12.19 9.15 14.02
N THR A 83 11.33 10.08 13.60
CA THR A 83 10.00 10.28 14.18
C THR A 83 8.90 9.55 13.42
N THR A 84 9.26 8.71 12.45
CA THR A 84 8.35 7.78 11.79
C THR A 84 8.46 6.41 12.45
N ARG A 85 7.33 5.75 12.65
CA ARG A 85 7.31 4.33 12.98
C ARG A 85 6.54 3.58 11.90
N LEU A 86 7.12 2.49 11.41
CA LEU A 86 6.51 1.70 10.35
C LEU A 86 6.52 0.25 10.78
N VAL A 87 5.35 -0.39 10.71
CA VAL A 87 5.16 -1.77 11.13
C VAL A 87 4.47 -2.46 9.97
N ASN A 88 5.14 -3.45 9.40
CA ASN A 88 4.68 -4.15 8.24
C ASN A 88 4.45 -5.62 8.66
N VAL A 89 4.17 -6.49 7.70
CA VAL A 89 3.85 -7.88 8.05
C VAL A 89 2.72 -7.85 9.06
N LEU A 90 1.57 -7.32 8.62
CA LEU A 90 0.45 -7.10 9.50
C LEU A 90 -0.39 -8.35 9.69
N ALA A 91 -0.30 -9.33 8.80
CA ALA A 91 -1.22 -10.46 8.89
C ALA A 91 -1.22 -11.10 10.28
N PRO A 92 -0.08 -11.54 10.82
CA PRO A 92 -0.10 -12.15 12.17
C PRO A 92 -0.53 -11.20 13.27
N ILE A 93 -0.50 -9.89 13.05
CA ILE A 93 -0.89 -8.93 14.08
C ILE A 93 -2.41 -8.72 14.11
N SER A 94 -3.03 -8.60 12.94
CA SER A 94 -4.36 -7.99 12.82
C SER A 94 -5.34 -8.90 12.09
N LYS A 95 -6.45 -9.24 12.76
CA LYS A 95 -7.55 -9.94 12.09
C LYS A 95 -8.21 -9.04 11.05
N ALA A 96 -8.45 -7.77 11.40
CA ALA A 96 -9.12 -6.86 10.48
C ALA A 96 -8.37 -6.75 9.17
N TYR A 97 -7.04 -6.67 9.24
CA TYR A 97 -6.22 -6.57 8.04
C TYR A 97 -6.32 -7.83 7.18
N ARG A 98 -6.10 -9.00 7.78
CA ARG A 98 -6.00 -10.24 7.01
C ARG A 98 -7.35 -10.76 6.55
N GLU A 99 -8.42 -10.44 7.27
CA GLU A 99 -9.77 -10.75 6.77
C GLU A 99 -10.35 -9.58 5.98
N ASP A 100 -10.61 -8.45 6.63
CA ASP A 100 -11.40 -7.40 5.97
C ASP A 100 -10.58 -6.65 4.89
N VAL A 101 -9.35 -6.26 5.21
CA VAL A 101 -8.59 -5.45 4.25
C VAL A 101 -8.12 -6.30 3.08
N LEU A 102 -7.50 -7.45 3.36
CA LEU A 102 -6.99 -8.24 2.24
C LEU A 102 -8.10 -8.72 1.30
N ASN A 103 -9.34 -8.82 1.77
CA ASN A 103 -10.46 -9.19 0.93
C ASN A 103 -11.33 -8.01 0.47
N SER A 104 -10.90 -6.78 0.72
CA SER A 104 -11.68 -5.62 0.30
C SER A 104 -12.08 -5.72 -1.16
N LYS A 105 -13.38 -5.63 -1.44
CA LYS A 105 -13.77 -5.75 -2.84
C LYS A 105 -13.40 -4.49 -3.62
N VAL A 106 -13.34 -3.35 -2.94
CA VAL A 106 -12.90 -2.14 -3.62
C VAL A 106 -11.44 -2.29 -4.02
N LEU A 107 -10.59 -2.73 -3.09
CA LEU A 107 -9.18 -2.92 -3.41
C LEU A 107 -8.99 -3.81 -4.62
N HIS A 108 -9.71 -4.92 -4.69
CA HIS A 108 -9.47 -5.86 -5.76
C HIS A 108 -10.03 -5.38 -7.11
N ARG A 109 -11.17 -4.69 -7.14
CA ARG A 109 -11.60 -4.19 -8.44
C ARG A 109 -10.61 -3.16 -8.97
N ILE A 110 -10.08 -2.29 -8.10
CA ILE A 110 -9.07 -1.33 -8.52
C ILE A 110 -7.82 -2.07 -9.01
N CYS A 111 -7.36 -3.07 -8.26
CA CYS A 111 -6.12 -3.76 -8.63
C CYS A 111 -6.28 -4.57 -9.91
N SER A 112 -7.42 -5.24 -10.10
CA SER A 112 -7.63 -5.94 -11.36
C SER A 112 -7.90 -4.96 -12.51
N ASP A 113 -8.45 -3.77 -12.24
CA ASP A 113 -8.45 -2.71 -13.26
C ASP A 113 -7.02 -2.32 -13.64
N ALA A 114 -6.18 -2.02 -12.64
CA ALA A 114 -4.89 -1.40 -12.93
C ALA A 114 -3.89 -2.40 -13.53
N PHE A 115 -3.96 -3.67 -13.14
CA PHE A 115 -2.94 -4.65 -13.44
C PHE A 115 -3.31 -5.69 -14.51
N HIS A 116 -4.50 -5.59 -15.10
CA HIS A 116 -4.95 -6.64 -16.00
C HIS A 116 -3.98 -6.85 -17.14
N VAL A 117 -3.28 -5.79 -17.54
CA VAL A 117 -2.32 -5.93 -18.62
C VAL A 117 -1.21 -6.90 -18.22
N TYR A 118 -0.80 -6.87 -16.95
CA TYR A 118 0.30 -7.71 -16.44
C TYR A 118 -0.11 -9.08 -15.90
N GLY A 119 -1.32 -9.25 -15.38
CA GLY A 119 -1.66 -10.47 -14.68
C GLY A 119 -1.85 -10.30 -13.18
N ASP A 120 -1.66 -11.37 -12.41
CA ASP A 120 -1.90 -11.32 -10.98
C ASP A 120 -1.12 -10.21 -10.28
N TYR A 121 -1.69 -9.73 -9.19
CA TYR A 121 -1.09 -8.75 -8.29
C TYR A 121 -1.08 -9.32 -6.89
N TRP A 122 -0.19 -8.79 -6.06
CA TRP A 122 -0.17 -9.12 -4.66
C TRP A 122 0.28 -7.90 -3.88
N VAL A 123 0.39 -8.08 -2.56
CA VAL A 123 0.81 -7.02 -1.64
C VAL A 123 2.33 -6.90 -1.72
N LEU A 124 2.83 -5.76 -2.15
CA LEU A 124 4.26 -5.53 -2.10
C LEU A 124 4.60 -5.20 -0.66
N MET A 125 3.72 -4.50 0.03
CA MET A 125 3.88 -4.14 1.42
C MET A 125 2.62 -3.54 2.05
N GLY A 126 2.15 -4.13 3.14
CA GLY A 126 1.04 -3.64 3.93
C GLY A 126 1.64 -3.11 5.23
N ALA A 127 1.55 -1.81 5.51
CA ALA A 127 2.25 -1.25 6.67
C ALA A 127 1.45 -0.12 7.30
N VAL A 128 1.48 -0.08 8.63
CA VAL A 128 0.98 1.06 9.38
C VAL A 128 2.15 2.01 9.66
N MET A 129 2.00 3.26 9.27
CA MET A 129 2.94 4.32 9.59
C MET A 129 2.29 5.26 10.57
N GLU A 130 2.94 5.48 11.70
CA GLU A 130 2.53 6.52 12.64
C GLU A 130 3.64 7.54 12.78
N LEU A 131 3.28 8.81 12.62
CA LEU A 131 4.21 9.92 12.66
C LEU A 131 4.03 10.67 13.97
N ALA A 132 5.14 10.89 14.68
CA ALA A 132 5.10 11.58 15.95
C ALA A 132 4.77 13.05 15.75
N PRO A 133 4.32 13.74 16.81
CA PRO A 133 4.12 15.19 16.69
C PRO A 133 5.34 15.90 16.13
N SER A 134 5.08 16.91 15.32
CA SER A 134 6.12 17.75 14.71
C SER A 134 7.01 16.98 13.75
N ASN A 135 6.57 15.82 13.27
CA ASN A 135 7.30 15.12 12.24
C ASN A 135 7.38 15.99 10.99
N PRO A 136 8.57 16.18 10.42
CA PRO A 136 8.68 17.07 9.24
C PRO A 136 8.14 16.41 7.99
N ALA A 137 7.86 17.23 6.98
CA ALA A 137 7.45 16.68 5.70
C ALA A 137 8.57 15.80 5.15
N GLN A 138 8.17 14.76 4.45
CA GLN A 138 9.15 13.98 3.73
C GLN A 138 9.59 14.75 2.49
N PRO A 139 10.73 14.41 1.93
CA PRO A 139 11.05 14.88 0.56
C PRO A 139 10.06 14.31 -0.44
N LEU A 140 9.70 15.15 -1.40
CA LEU A 140 8.91 14.70 -2.54
C LEU A 140 9.61 13.50 -3.20
N HIS A 141 8.84 12.45 -3.43
CA HIS A 141 9.43 11.20 -3.92
C HIS A 141 8.45 10.42 -4.79
N ARG A 142 9.03 9.57 -5.63
CA ARG A 142 8.37 8.37 -6.15
C ARG A 142 8.74 7.20 -5.24
N ASP A 143 7.80 6.29 -5.03
CA ASP A 143 8.07 5.09 -4.26
C ASP A 143 8.82 4.06 -5.14
N MET A 144 9.41 3.05 -4.49
CA MET A 144 10.00 1.87 -5.12
C MET A 144 11.47 2.07 -5.49
N ARG A 145 12.01 3.28 -5.38
CA ARG A 145 13.35 3.58 -5.85
C ARG A 145 14.44 3.15 -4.87
N PHE A 146 14.09 2.74 -3.65
CA PHE A 146 15.02 2.16 -2.68
C PHE A 146 14.91 0.64 -2.56
N SER A 147 14.05 0.02 -3.34
CA SER A 147 13.80 -1.40 -3.26
C SER A 147 13.88 -2.01 -4.66
N HIS A 148 13.22 -1.39 -5.64
CA HIS A 148 13.08 -1.96 -6.97
C HIS A 148 13.69 -1.06 -8.05
N PRO A 149 15.01 -0.94 -8.11
CA PRO A 149 15.65 -0.15 -9.19
C PRO A 149 15.20 -0.51 -10.60
N ILE A 150 14.75 -1.75 -10.84
CA ILE A 150 14.27 -2.12 -12.18
C ILE A 150 13.19 -1.16 -12.68
N VAL A 151 12.42 -0.57 -11.76
CA VAL A 151 11.31 0.29 -12.16
C VAL A 151 11.80 1.53 -12.90
N GLU A 152 12.94 2.09 -12.50
CA GLU A 152 13.50 3.23 -13.25
C GLU A 152 13.76 2.91 -14.71
N TYR A 153 14.00 1.66 -15.04
CA TYR A 153 14.35 1.26 -16.40
C TYR A 153 13.14 1.00 -17.30
N LEU A 154 11.92 1.13 -16.78
CA LEU A 154 10.72 0.97 -17.58
C LEU A 154 10.56 2.15 -18.52
N LYS A 155 10.06 1.88 -19.72
CA LYS A 155 9.64 2.94 -20.62
C LYS A 155 8.71 3.90 -19.88
N PRO A 156 8.76 5.21 -20.18
CA PRO A 156 8.00 6.17 -19.35
C PRO A 156 6.49 5.98 -19.40
N ASP A 157 5.97 5.45 -20.51
CA ASP A 157 4.55 5.18 -20.71
C ASP A 157 4.14 3.75 -20.39
N ALA A 158 5.05 2.95 -19.81
CA ALA A 158 4.68 1.60 -19.38
C ALA A 158 3.62 1.69 -18.28
N PRO A 159 2.57 0.85 -18.33
CA PRO A 159 1.54 0.90 -17.28
C PRO A 159 2.14 0.65 -15.91
N ALA A 160 1.52 1.27 -14.89
CA ALA A 160 2.09 1.21 -13.55
C ALA A 160 2.13 -0.23 -13.04
N THR A 161 3.28 -0.64 -12.47
CA THR A 161 3.48 -1.99 -11.94
C THR A 161 3.21 -2.13 -10.45
N SER A 162 2.98 -1.02 -9.76
CA SER A 162 2.50 -1.03 -8.39
C SER A 162 1.75 0.26 -8.14
N ILE A 163 0.86 0.22 -7.13
CA ILE A 163 0.12 1.40 -6.70
C ILE A 163 0.08 1.38 -5.18
N ASN A 164 -0.25 2.53 -4.60
CA ASN A 164 -0.19 2.65 -3.15
C ASN A 164 -1.48 3.25 -2.65
N PHE A 165 -2.20 2.47 -1.83
CA PHE A 165 -3.35 2.94 -1.08
C PHE A 165 -2.85 3.52 0.23
N LEU A 166 -2.96 4.81 0.41
CA LEU A 166 -2.55 5.42 1.66
C LEU A 166 -3.85 5.67 2.41
N VAL A 167 -4.10 4.86 3.43
CA VAL A 167 -5.41 4.83 4.09
C VAL A 167 -5.28 5.54 5.42
N ALA A 168 -6.15 6.53 5.64
CA ALA A 168 -6.09 7.31 6.87
C ALA A 168 -6.58 6.47 8.04
N LEU A 169 -5.72 6.24 9.04
CA LEU A 169 -6.18 5.63 10.27
C LEU A 169 -6.55 6.66 11.33
N SER A 170 -6.25 7.92 11.07
CA SER A 170 -6.71 9.07 11.84
C SER A 170 -6.88 10.23 10.87
N PRO A 171 -7.39 11.37 11.35
CA PRO A 171 -7.71 12.46 10.42
C PRO A 171 -6.45 13.04 9.79
N PHE A 172 -6.49 13.23 8.45
CA PHE A 172 -5.44 13.97 7.75
C PHE A 172 -5.91 15.41 7.56
N THR A 173 -5.21 16.36 8.17
CA THR A 173 -5.49 17.77 7.95
C THR A 173 -4.23 18.44 7.44
N ALA A 174 -4.40 19.60 6.80
CA ALA A 174 -3.25 20.37 6.36
C ALA A 174 -2.31 20.63 7.54
N GLU A 175 -2.89 20.81 8.73
CA GLU A 175 -2.12 21.19 9.90
C GLU A 175 -1.35 20.01 10.50
N ASN A 176 -1.90 18.79 10.41
CA ASN A 176 -1.28 17.63 11.05
C ASN A 176 -0.41 16.81 10.10
N GLY A 177 -0.18 17.30 8.88
CA GLY A 177 0.74 16.64 7.97
C GLY A 177 0.13 15.86 6.82
N ALA A 178 -1.12 16.11 6.46
CA ALA A 178 -1.75 15.33 5.39
C ALA A 178 -0.83 15.29 4.18
N THR A 179 -0.83 14.15 3.50
CA THR A 179 0.09 13.87 2.42
C THR A 179 -0.01 14.95 1.34
N HIS A 180 1.12 15.21 0.67
CA HIS A 180 1.12 16.06 -0.52
C HIS A 180 1.29 15.21 -1.76
N VAL A 181 0.57 15.57 -2.83
CA VAL A 181 0.74 14.95 -4.13
C VAL A 181 0.89 16.05 -5.18
N ILE A 182 1.52 15.70 -6.29
CA ILE A 182 1.59 16.55 -7.48
C ILE A 182 0.74 15.89 -8.57
N LEU A 183 -0.40 16.50 -8.89
CA LEU A 183 -1.27 15.98 -9.93
C LEU A 183 -0.53 15.95 -11.26
N GLY A 184 -0.74 14.86 -12.02
CA GLY A 184 -0.12 14.65 -13.31
C GLY A 184 1.34 14.26 -13.25
N SER A 185 1.98 14.35 -12.08
CA SER A 185 3.40 14.09 -11.95
C SER A 185 3.78 12.66 -12.31
N HIS A 186 2.80 11.76 -12.42
CA HIS A 186 3.14 10.40 -12.79
C HIS A 186 3.51 10.30 -14.27
N LYS A 187 3.15 11.29 -15.08
CA LYS A 187 3.58 11.35 -16.48
C LYS A 187 4.78 12.26 -16.71
N TRP A 188 5.33 12.87 -15.65
CA TRP A 188 6.45 13.79 -15.79
C TRP A 188 7.75 13.04 -16.04
N GLN A 189 8.47 13.45 -17.09
CA GLN A 189 9.86 13.00 -17.27
C GLN A 189 10.82 14.07 -16.78
N ASN A 190 10.73 15.28 -17.34
CA ASN A 190 11.47 16.41 -16.79
C ASN A 190 11.00 16.71 -15.37
N LEU A 191 11.93 16.68 -14.41
CA LEU A 191 11.62 16.95 -13.00
C LEU A 191 11.93 18.39 -12.57
N SER A 192 12.29 19.28 -13.49
CA SER A 192 12.55 20.67 -13.11
C SER A 192 11.34 21.32 -12.44
N ASN A 193 10.13 20.88 -12.80
CA ASN A 193 8.90 21.40 -12.23
C ASN A 193 8.67 21.02 -10.77
N VAL A 194 9.51 20.14 -10.20
CA VAL A 194 9.18 19.53 -8.91
C VAL A 194 9.44 20.52 -7.78
N SER A 195 8.44 20.74 -6.94
CA SER A 195 8.59 21.51 -5.73
C SER A 195 7.25 21.49 -5.01
N MET A 196 7.28 21.87 -3.73
CA MET A 196 6.05 21.92 -2.96
C MET A 196 5.04 22.87 -3.57
N ASP A 197 5.49 23.88 -4.32
CA ASP A 197 4.54 24.79 -4.96
C ASP A 197 3.52 24.05 -5.81
N ALA A 198 3.91 22.91 -6.38
CA ALA A 198 3.07 22.20 -7.33
C ALA A 198 2.14 21.19 -6.66
N THR A 199 2.11 21.12 -5.33
CA THR A 199 1.41 20.05 -4.63
C THR A 199 0.03 20.48 -4.17
N VAL A 200 -0.89 19.52 -4.09
CA VAL A 200 -2.11 19.70 -3.30
C VAL A 200 -2.14 18.66 -2.19
N ARG A 201 -3.16 18.72 -1.34
CA ARG A 201 -3.17 17.97 -0.09
C ARG A 201 -4.23 16.89 -0.13
N ALA A 202 -3.97 15.80 0.58
CA ALA A 202 -4.97 14.75 0.75
C ALA A 202 -5.60 14.94 2.13
N LEU A 203 -6.78 15.57 2.13
CA LEU A 203 -7.53 15.83 3.35
C LEU A 203 -8.52 14.69 3.48
N MET A 204 -8.39 13.90 4.54
CA MET A 204 -9.15 12.67 4.64
C MET A 204 -9.63 12.48 6.06
N ASN A 205 -10.81 11.88 6.18
CA ASN A 205 -11.24 11.31 7.44
C ASN A 205 -10.72 9.89 7.55
N PRO A 206 -10.70 9.33 8.74
CA PRO A 206 -10.26 7.95 8.89
C PRO A 206 -11.10 7.04 8.00
N GLY A 207 -10.45 6.04 7.42
CA GLY A 207 -11.09 5.15 6.48
C GLY A 207 -11.03 5.61 5.04
N ASP A 208 -10.86 6.92 4.80
CA ASP A 208 -10.57 7.37 3.45
C ASP A 208 -9.17 6.90 3.06
N ALA A 209 -8.96 6.72 1.75
CA ALA A 209 -7.67 6.29 1.24
C ALA A 209 -7.23 7.21 0.11
N LEU A 210 -5.97 7.61 0.13
CA LEU A 210 -5.34 8.26 -1.01
C LEU A 210 -4.66 7.20 -1.89
N LEU A 211 -5.01 7.17 -3.15
CA LEU A 211 -4.51 6.16 -4.07
C LEU A 211 -3.64 6.82 -5.13
N ILE A 212 -2.38 6.38 -5.22
CA ILE A 212 -1.38 6.91 -6.13
C ILE A 212 -0.74 5.71 -6.82
N THR A 213 0.00 5.99 -7.90
CA THR A 213 0.83 4.98 -8.54
C THR A 213 2.27 5.12 -8.07
N ASP A 214 3.09 4.12 -8.47
CA ASP A 214 4.52 4.17 -8.18
C ASP A 214 5.22 5.34 -8.85
N SER A 215 4.59 6.04 -9.82
CA SER A 215 5.20 7.22 -10.41
C SER A 215 4.72 8.54 -9.85
N THR A 216 3.73 8.54 -8.98
CA THR A 216 3.18 9.80 -8.49
C THR A 216 4.15 10.43 -7.50
N ILE A 217 4.51 11.68 -7.74
CA ILE A 217 5.40 12.38 -6.82
C ILE A 217 4.58 12.88 -5.62
N HIS A 218 5.02 12.53 -4.42
CA HIS A 218 4.23 12.74 -3.22
C HIS A 218 5.16 12.77 -2.02
N CYS A 219 4.66 13.34 -0.91
CA CYS A 219 5.40 13.27 0.33
C CYS A 219 4.43 13.40 1.50
N GLY A 220 4.77 12.76 2.61
CA GLY A 220 4.13 13.10 3.86
C GLY A 220 4.34 14.57 4.16
N GLY A 221 3.30 15.22 4.69
CA GLY A 221 3.38 16.63 5.01
C GLY A 221 3.90 16.90 6.41
N ALA A 222 4.19 18.18 6.67
CA ALA A 222 4.79 18.59 7.93
C ALA A 222 3.74 18.64 9.03
N GLU A 223 4.06 18.07 10.18
CA GLU A 223 3.10 18.05 11.27
C GLU A 223 3.34 19.32 12.08
N THR A 224 2.41 20.30 11.97
CA THR A 224 2.59 21.63 12.52
C THR A 224 1.84 21.89 13.83
N THR A 225 0.99 20.97 14.29
CA THR A 225 0.30 21.26 15.54
C THR A 225 1.19 21.01 16.74
N GLY A 226 2.25 20.21 16.57
CA GLY A 226 3.11 19.86 17.65
C GLY A 226 2.50 18.92 18.67
N THR A 227 1.23 18.54 18.49
CA THR A 227 0.50 17.64 19.40
C THR A 227 0.02 16.36 18.72
N GLU A 228 -0.70 16.46 17.60
CA GLU A 228 -1.41 15.31 17.06
C GLU A 228 -0.46 14.23 16.57
N THR A 229 -0.87 12.97 16.74
CA THR A 229 -0.18 11.82 16.18
C THR A 229 -0.99 11.25 15.02
N ARG A 230 -0.42 11.33 13.81
CA ARG A 230 -1.09 10.91 12.59
C ARG A 230 -0.66 9.48 12.24
N ARG A 231 -1.63 8.67 11.83
CA ARG A 231 -1.40 7.26 11.52
C ARG A 231 -2.09 6.85 10.23
N LEU A 232 -1.42 6.02 9.42
CA LEU A 232 -1.98 5.59 8.15
C LEU A 232 -1.66 4.11 7.93
N LEU A 233 -2.45 3.51 7.04
CA LEU A 233 -2.19 2.17 6.51
C LEU A 233 -1.83 2.35 5.04
N THR A 234 -0.57 2.08 4.69
CA THR A 234 -0.13 2.13 3.31
C THR A 234 -0.10 0.73 2.72
N ILE A 235 -0.90 0.49 1.71
CA ILE A 235 -0.94 -0.83 1.09
C ILE A 235 -0.36 -0.65 -0.29
N THR A 236 0.87 -1.13 -0.51
CA THR A 236 1.46 -1.10 -1.84
C THR A 236 1.08 -2.41 -2.51
N MET A 237 0.22 -2.31 -3.52
CA MET A 237 -0.18 -3.46 -4.32
C MET A 237 0.64 -3.44 -5.59
N GLY A 238 1.14 -4.61 -5.99
CA GLY A 238 1.92 -4.67 -7.22
C GLY A 238 1.74 -5.97 -7.95
N ILE A 239 2.11 -5.94 -9.23
CA ILE A 239 2.05 -7.14 -10.05
C ILE A 239 2.89 -8.22 -9.37
N SER A 240 2.44 -9.48 -9.51
CA SER A 240 3.08 -10.61 -8.86
C SER A 240 4.44 -10.93 -9.44
N GLN A 241 4.81 -10.26 -10.52
CA GLN A 241 6.11 -10.36 -11.14
C GLN A 241 7.19 -9.58 -10.40
N LEU A 242 6.82 -8.61 -9.58
CA LEU A 242 7.76 -7.89 -8.74
C LEU A 242 7.75 -8.46 -7.32
N THR A 243 8.93 -8.50 -6.66
CA THR A 243 9.09 -9.13 -5.36
C THR A 243 8.64 -8.21 -4.24
N PRO A 244 7.87 -8.70 -3.27
CA PRO A 244 7.42 -7.81 -2.20
C PRO A 244 8.56 -7.25 -1.37
N LEU A 245 8.30 -6.09 -0.76
CA LEU A 245 9.23 -5.48 0.16
C LEU A 245 9.33 -6.29 1.44
N GLU A 246 8.26 -7.02 1.77
CA GLU A 246 8.12 -7.70 3.06
C GLU A 246 7.89 -9.18 2.82
N SER A 247 8.17 -10.01 3.83
CA SER A 247 7.96 -11.45 3.72
C SER A 247 6.91 -11.93 4.71
N ASN A 248 6.03 -12.82 4.24
CA ASN A 248 5.12 -13.60 5.09
C ASN A 248 5.60 -15.03 5.34
N LEU A 249 6.82 -15.36 4.89
CA LEU A 249 7.30 -16.73 5.03
C LEU A 249 7.22 -17.21 6.47
N ALA A 250 7.39 -16.31 7.44
CA ALA A 250 7.37 -16.68 8.85
C ALA A 250 5.97 -16.63 9.46
N VAL A 251 4.98 -16.17 8.73
CA VAL A 251 3.63 -16.15 9.32
C VAL A 251 3.21 -17.58 9.63
N PRO A 252 2.64 -17.83 10.81
CA PRO A 252 2.33 -19.22 11.20
C PRO A 252 1.28 -19.88 10.31
N ARG A 253 1.58 -21.10 9.87
CA ARG A 253 0.67 -21.82 8.98
C ARG A 253 -0.79 -21.74 9.43
N PRO A 254 -1.12 -21.92 10.72
CA PRO A 254 -2.53 -21.78 11.15
C PRO A 254 -3.15 -20.44 10.79
N VAL A 255 -2.37 -19.36 10.83
CA VAL A 255 -2.88 -18.08 10.41
C VAL A 255 -3.17 -18.08 8.91
N ILE A 256 -2.18 -18.49 8.11
CA ILE A 256 -2.35 -18.53 6.66
C ILE A 256 -3.62 -19.29 6.31
N GLU A 257 -3.81 -20.46 6.91
CA GLU A 257 -4.93 -21.31 6.55
C GLU A 257 -6.26 -20.78 7.06
N SER A 258 -6.26 -19.72 7.88
CA SER A 258 -7.53 -19.11 8.22
C SER A 258 -8.02 -18.16 7.13
N LEU A 259 -7.20 -17.91 6.10
CA LEU A 259 -7.51 -16.84 5.18
C LEU A 259 -8.30 -17.36 4.00
N THR A 260 -8.74 -16.43 3.16
CA THR A 260 -9.31 -16.84 1.90
C THR A 260 -8.19 -17.26 0.96
N PRO A 261 -8.51 -17.98 -0.10
CA PRO A 261 -7.48 -18.27 -1.11
C PRO A 261 -6.93 -17.01 -1.74
N LEU A 262 -7.81 -16.02 -1.95
CA LEU A 262 -7.37 -14.76 -2.50
C LEU A 262 -6.35 -14.11 -1.59
N ALA A 263 -6.68 -13.99 -0.30
CA ALA A 263 -5.75 -13.44 0.69
C ALA A 263 -4.45 -14.22 0.71
N GLN A 264 -4.53 -15.55 0.72
CA GLN A 264 -3.30 -16.35 0.71
C GLN A 264 -2.42 -15.96 -0.48
N ARG A 265 -3.02 -15.83 -1.66
CA ARG A 265 -2.23 -15.49 -2.84
C ARG A 265 -1.52 -14.14 -2.63
N LEU A 266 -2.27 -13.12 -2.22
CA LEU A 266 -1.73 -11.78 -1.96
C LEU A 266 -0.54 -11.78 -1.01
N LEU A 267 -0.39 -12.79 -0.17
CA LEU A 267 0.72 -12.84 0.78
C LEU A 267 1.89 -13.72 0.31
N GLY A 268 1.83 -14.29 -0.89
CA GLY A 268 2.90 -15.14 -1.38
C GLY A 268 2.74 -16.61 -1.01
N TRP A 269 1.59 -17.01 -0.47
CA TRP A 269 1.26 -18.39 -0.13
C TRP A 269 0.49 -19.12 -1.23
N ALA A 270 0.50 -18.61 -2.45
CA ALA A 270 -0.06 -19.30 -3.59
C ALA A 270 0.81 -19.05 -4.79
N SER A 271 0.64 -19.86 -5.82
CA SER A 271 1.31 -19.54 -7.07
C SER A 271 0.62 -18.31 -7.69
N GLN A 272 1.18 -17.78 -8.77
CA GLN A 272 0.70 -16.54 -9.36
C GLN A 272 0.68 -16.71 -10.87
N ARG A 273 0.03 -15.78 -11.59
CA ARG A 273 -0.13 -15.93 -13.03
C ARG A 273 0.17 -14.62 -13.74
N SER A 274 0.80 -14.69 -14.92
CA SER A 274 0.85 -13.51 -15.75
C SER A 274 -0.34 -13.50 -16.69
N ALA A 275 -0.51 -12.38 -17.38
CA ALA A 275 -1.58 -12.22 -18.37
C ALA A 275 -1.18 -12.73 -19.74
N ALA A 276 0.03 -13.24 -19.88
CA ALA A 276 0.47 -13.77 -21.15
C ALA A 276 -0.46 -14.90 -21.56
N PRO A 277 -1.01 -14.87 -22.78
CA PRO A 277 -2.04 -15.86 -23.15
C PRO A 277 -1.68 -17.31 -22.83
N ARG A 278 -0.42 -17.71 -23.02
CA ARG A 278 0.09 -19.03 -22.69
C ARG A 278 0.87 -19.07 -21.37
N ASP A 279 0.57 -18.14 -20.47
CA ASP A 279 1.28 -18.02 -19.20
C ASP A 279 1.67 -19.38 -18.61
N ILE A 280 2.95 -19.49 -18.25
CA ILE A 280 3.44 -20.67 -17.55
C ILE A 280 3.54 -20.44 -16.05
N GLY A 281 3.23 -19.23 -15.58
CA GLY A 281 2.96 -19.01 -14.17
C GLY A 281 4.21 -18.64 -13.38
N LEU A 282 3.98 -18.17 -12.15
CA LEU A 282 5.02 -17.75 -11.23
C LEU A 282 4.93 -18.59 -9.95
N LEU A 283 6.09 -18.89 -9.38
CA LEU A 283 6.17 -19.70 -8.16
C LEU A 283 5.40 -21.01 -8.28
N THR A 284 5.60 -21.73 -9.39
CA THR A 284 4.96 -23.03 -9.53
C THR A 284 5.90 -24.13 -9.05
N ILE A 285 5.37 -25.36 -8.97
CA ILE A 285 6.18 -26.51 -8.57
C ILE A 285 5.91 -27.63 -9.57
N ARG A 286 6.90 -27.88 -10.44
CA ARG A 286 6.83 -28.86 -11.52
C ARG A 286 5.47 -28.83 -12.22
N GLY A 287 4.94 -27.64 -12.49
CA GLY A 287 3.68 -27.49 -13.19
C GLY A 287 2.44 -27.47 -12.33
N ASN A 288 2.58 -27.58 -10.99
CA ASN A 288 1.46 -27.50 -10.06
C ASN A 288 1.69 -26.33 -9.09
N SER A 289 0.61 -25.84 -8.49
CA SER A 289 0.71 -24.67 -7.62
C SER A 289 1.25 -25.02 -6.24
N ILE A 290 1.71 -23.97 -5.56
CA ILE A 290 2.08 -24.02 -4.15
C ILE A 290 0.96 -24.64 -3.33
N GLU A 291 -0.22 -24.04 -3.41
CA GLU A 291 -1.34 -24.50 -2.59
C GLU A 291 -1.75 -25.93 -2.94
N LYS A 292 -1.80 -26.26 -4.23
CA LYS A 292 -2.08 -27.66 -4.60
C LYS A 292 -0.98 -28.58 -4.08
N THR A 293 0.27 -28.25 -4.35
CA THR A 293 1.37 -29.07 -3.86
C THR A 293 1.32 -29.22 -2.34
N MET A 294 1.18 -28.10 -1.63
CA MET A 294 1.28 -28.16 -0.17
C MET A 294 -0.02 -28.60 0.50
N ASN A 295 -1.07 -28.86 -0.28
CA ASN A 295 -2.39 -29.11 0.27
C ASN A 295 -2.74 -28.02 1.29
N LEU A 296 -2.65 -26.77 0.84
CA LEU A 296 -2.84 -25.64 1.73
C LEU A 296 -4.34 -25.47 1.97
N LYS A 297 -4.76 -25.58 3.24
CA LYS A 297 -6.15 -25.33 3.60
C LYS A 297 -6.46 -23.84 3.50
N ALA A 298 -7.75 -23.52 3.35
CA ALA A 298 -8.18 -22.13 3.31
C ALA A 298 -9.39 -21.92 4.21
N GLU A 299 -9.49 -20.71 4.77
CA GLU A 299 -10.66 -20.28 5.53
C GLU A 299 -10.95 -21.17 6.73
N GLN A 300 -9.93 -21.86 7.23
CA GLN A 300 -10.08 -22.65 8.44
C GLN A 300 -10.00 -21.73 9.66
N PRO A 301 -10.98 -21.75 10.56
CA PRO A 301 -10.90 -20.90 11.76
C PRO A 301 -9.75 -21.32 12.67
N LEU A 302 -9.41 -20.43 13.60
CA LEU A 302 -8.38 -20.70 14.60
C LEU A 302 -8.99 -21.12 15.94
FE FE B . 5.71 7.40 -0.46
C4 8R0 C . 9.58 3.75 2.37
C7 8R0 C . 9.95 4.98 0.21
C8 8R0 C . 9.21 6.42 0.33
C10 8R0 C . 9.94 8.12 1.92
C13 8R0 C . 11.90 9.18 0.15
C15 8R0 C . 9.55 3.94 -0.67
C20 8R0 C . 5.38 2.78 1.85
C12 8R0 C . 11.70 9.79 1.54
C11 8R0 C . 10.78 9.31 2.34
C14 8R0 C . 11.16 8.17 -0.23
C9 8R0 C . 10.11 7.59 0.72
O16 8R0 C . 10.06 3.77 -1.71
N17 8R0 C . 8.50 3.10 -0.26
C18 8R0 C . 7.69 3.09 0.89
C19 8R0 C . 6.34 2.78 0.80
C1 8R0 C . 5.91 3.12 3.14
C2 8R0 C . 7.26 3.41 3.31
C3 8R0 C . 8.23 3.42 2.17
O5 8R0 C . 10.02 3.36 3.40
N6 8R0 C . 10.45 4.47 1.52
C23 8R0 C . 11.83 4.74 1.89
H1 8R0 C . 10.83 5.18 -0.04
H2 8R0 C . 8.53 6.35 0.96
H3 8R0 C . 8.82 6.62 -0.51
H4 8R0 C . 9.29 7.78 2.49
H5 8R0 C . 12.55 9.53 -0.42
H6 8R0 C . 4.49 2.57 1.72
H7 8R0 C . 12.22 10.51 1.81
H8 8R0 C . 10.67 9.68 3.19
H9 8R0 C . 11.29 7.79 -1.08
H10 8R0 C . 8.29 2.48 -0.85
H11 8R0 C . 6.04 2.61 0.02
H12 8R0 C . 5.35 3.11 3.87
H13 8R0 C . 7.54 3.61 4.09
H16 8R0 C . 11.99 5.66 1.82
H14 8R0 C . 12.41 4.29 1.31
H15 8R0 C . 11.99 4.46 2.77
C1 AKG D . 6.07 7.12 2.22
O1 AKG D . 6.61 6.61 1.15
O2 AKG D . 6.42 6.76 3.38
C2 AKG D . 4.94 8.16 2.11
O5 AKG D . 4.52 8.51 1.05
C3 AKG D . 4.36 8.72 3.42
C4 AKG D . 3.10 9.55 3.16
C5 AKG D . 2.55 10.18 4.45
O3 AKG D . 1.44 10.75 4.42
O4 AKG D . 3.18 10.15 5.54
H31 AKG D . 4.13 7.99 4.01
H32 AKG D . 5.03 9.28 3.85
H41 AKG D . 3.31 10.26 2.53
H42 AKG D . 2.42 8.98 2.77
#